data_4FQZ
#
_entry.id   4FQZ
#
_cell.length_a   79.259
_cell.length_b   79.259
_cell.length_c   129.820
_cell.angle_alpha   90.00
_cell.angle_beta   90.00
_cell.angle_gamma   90.00
#
_symmetry.space_group_name_H-M   'P 43 21 2'
#
loop_
_entity.id
_entity.type
_entity.pdbx_description
1 polymer Galectin-8
2 branched beta-D-galactopyranose-(1-4)-beta-D-glucopyranose
3 non-polymer 1,2-ETHANEDIOL
4 water water
#
_entity_poly.entity_id   1
_entity_poly.type   'polypeptide(L)'
_entity_poly.pdbx_seq_one_letter_code
;MMLSLNNLQNIIYNPVIPFVGTIPDQLDPGTLIVIRGHVPSDADRFQVDLQNGSSMKPRADVAFHFNPRFKRAGCIVCNT
LINEKWGREEITYDTPFKREKSFEIVIMVLKDKFQVAVNGKHTLLYGHRIGPEKIDTLGIYGKVNIHSIGFSFSSHMRLP
FAARLNTPMGPGRTVVVKGEVNANAKSFNVDLLAGKSKDIALHLNPRLNIKAFVRNSFLQESWGEEERNITSFPFSPGMY
FEMIIYCDVREFKVAVNGVHSLEYKHRFKELSSIDTLEINGDIHLLEVRSW
;
_entity_poly.pdbx_strand_id   A
#
loop_
_chem_comp.id
_chem_comp.type
_chem_comp.name
_chem_comp.formula
BGC D-saccharide, beta linking beta-D-glucopyranose 'C6 H12 O6'
EDO non-polymer 1,2-ETHANEDIOL 'C2 H6 O2'
GAL D-saccharide, beta linking beta-D-galactopyranose 'C6 H12 O6'
#
# COMPACT_ATOMS: atom_id res chain seq x y z
N MET A 1 5.58 10.99 4.57
CA MET A 1 5.53 9.75 3.73
C MET A 1 4.29 9.71 2.85
N MET A 2 4.44 9.16 1.64
CA MET A 2 3.35 9.07 0.69
C MET A 2 3.34 7.70 0.04
N LEU A 3 2.15 7.16 -0.22
CA LEU A 3 2.05 5.86 -0.85
C LEU A 3 1.88 5.93 -2.38
N SER A 4 2.78 5.25 -3.09
CA SER A 4 2.78 5.22 -4.54
C SER A 4 1.62 4.39 -5.08
N LEU A 5 1.25 3.37 -4.30
CA LEU A 5 0.18 2.48 -4.71
C LEU A 5 -0.86 2.25 -3.63
N ASN A 6 -2.12 2.21 -4.05
CA ASN A 6 -3.23 1.99 -3.15
C ASN A 6 -3.64 0.54 -3.34
N ASN A 7 -3.29 -0.30 -2.37
CA ASN A 7 -3.61 -1.71 -2.42
C ASN A 7 -3.82 -2.20 -0.99
N LEU A 8 -4.79 -1.59 -0.32
CA LEU A 8 -5.08 -1.93 1.06
C LEU A 8 -5.95 -3.18 1.16
N GLN A 9 -5.66 -4.03 2.14
CA GLN A 9 -6.37 -5.28 2.34
C GLN A 9 -7.72 -5.14 3.03
N ASN A 10 -7.70 -4.69 4.28
CA ASN A 10 -8.93 -4.49 5.02
C ASN A 10 -9.19 -3.01 5.05
N ILE A 11 -10.47 -2.65 5.10
CA ILE A 11 -10.82 -1.25 5.16
C ILE A 11 -12.04 -1.15 6.05
N ILE A 12 -12.05 -0.19 6.95
CA ILE A 12 -13.20 -0.01 7.83
C ILE A 12 -13.65 1.43 7.69
N TYR A 13 -14.95 1.64 7.51
CA TYR A 13 -15.47 3.00 7.39
C TYR A 13 -16.32 3.48 8.56
N ASN A 14 -16.04 4.70 8.99
CA ASN A 14 -16.77 5.36 10.06
C ASN A 14 -16.96 4.57 11.35
N PRO A 15 -15.89 3.98 11.89
CA PRO A 15 -16.12 3.23 13.13
C PRO A 15 -16.54 4.19 14.23
N VAL A 16 -17.37 3.73 15.16
CA VAL A 16 -17.80 4.60 16.26
C VAL A 16 -16.74 4.65 17.36
N ILE A 17 -16.52 5.84 17.89
CA ILE A 17 -15.54 6.04 18.96
C ILE A 17 -16.26 6.04 20.31
N PRO A 18 -15.71 5.34 21.32
CA PRO A 18 -14.48 4.55 21.27
C PRO A 18 -14.65 3.29 20.44
N PHE A 19 -13.66 3.04 19.60
CA PHE A 19 -13.66 1.85 18.74
C PHE A 19 -12.51 0.92 19.12
N VAL A 20 -12.84 -0.36 19.31
CA VAL A 20 -11.84 -1.35 19.64
C VAL A 20 -12.06 -2.52 18.71
N GLY A 21 -11.16 -2.67 17.75
CA GLY A 21 -11.28 -3.76 16.78
C GLY A 21 -10.05 -4.63 16.61
N THR A 22 -10.30 -5.87 16.23
CA THR A 22 -9.24 -6.84 16.03
C THR A 22 -8.50 -6.57 14.72
N ILE A 23 -7.17 -6.60 14.80
CA ILE A 23 -6.29 -6.39 13.64
C ILE A 23 -6.46 -7.69 12.84
N PRO A 24 -6.87 -7.59 11.56
CA PRO A 24 -7.06 -8.81 10.78
C PRO A 24 -5.83 -9.60 10.37
N ASP A 25 -4.64 -9.15 10.72
CA ASP A 25 -3.44 -9.92 10.43
C ASP A 25 -2.31 -9.54 11.38
N GLN A 26 -1.20 -10.29 11.32
CA GLN A 26 -0.05 -10.02 12.15
C GLN A 26 0.71 -8.82 11.64
N LEU A 27 1.16 -7.99 12.58
CA LEU A 27 1.91 -6.79 12.22
C LEU A 27 3.37 -7.15 11.99
N ASP A 28 3.62 -7.91 10.93
CA ASP A 28 4.98 -8.29 10.59
C ASP A 28 5.60 -7.02 10.02
N PRO A 29 6.93 -6.93 10.03
CA PRO A 29 7.62 -5.75 9.51
C PRO A 29 7.20 -5.40 8.07
N GLY A 30 7.03 -4.10 7.81
CA GLY A 30 6.62 -3.65 6.49
C GLY A 30 5.14 -3.39 6.41
N THR A 31 4.42 -3.83 7.43
CA THR A 31 2.97 -3.66 7.51
C THR A 31 2.58 -2.19 7.67
N LEU A 32 1.50 -1.79 7.00
CA LEU A 32 1.02 -0.43 7.10
C LEU A 32 -0.39 -0.29 7.65
N ILE A 33 -0.60 0.74 8.45
CA ILE A 33 -1.94 1.05 8.95
C ILE A 33 -2.15 2.47 8.46
N VAL A 34 -3.24 2.72 7.74
CA VAL A 34 -3.52 4.06 7.28
C VAL A 34 -4.80 4.49 7.96
N ILE A 35 -4.75 5.62 8.68
CA ILE A 35 -5.90 6.11 9.40
C ILE A 35 -6.25 7.49 8.89
N ARG A 36 -7.48 7.63 8.39
CA ARG A 36 -7.97 8.90 7.87
C ARG A 36 -9.15 9.39 8.67
N GLY A 37 -9.08 10.65 9.06
CA GLY A 37 -10.15 11.26 9.84
C GLY A 37 -9.93 12.75 10.00
N HIS A 38 -10.56 13.34 11.00
CA HIS A 38 -10.42 14.76 11.24
C HIS A 38 -10.69 15.02 12.71
N VAL A 39 -10.12 16.08 13.25
CA VAL A 39 -10.34 16.36 14.66
C VAL A 39 -11.37 17.47 14.84
N PRO A 40 -12.39 17.20 15.68
CA PRO A 40 -13.45 18.17 15.93
C PRO A 40 -12.92 19.43 16.60
N SER A 41 -13.66 20.53 16.43
CA SER A 41 -13.27 21.82 16.96
C SER A 41 -13.09 21.84 18.46
N ASP A 42 -13.67 20.88 19.16
CA ASP A 42 -13.56 20.85 20.62
C ASP A 42 -12.66 19.71 21.12
N ALA A 43 -11.70 19.30 20.30
CA ALA A 43 -10.81 18.20 20.65
C ALA A 43 -9.78 18.57 21.71
N ASP A 44 -9.82 17.87 22.85
CA ASP A 44 -8.83 18.11 23.90
C ASP A 44 -7.69 17.11 23.65
N ARG A 45 -8.05 15.90 23.21
CA ARG A 45 -7.09 14.87 22.88
C ARG A 45 -7.80 13.63 22.36
N PHE A 46 -7.08 12.79 21.61
CA PHE A 46 -7.61 11.53 21.12
C PHE A 46 -6.38 10.62 21.04
N GLN A 47 -6.59 9.31 20.90
CA GLN A 47 -5.44 8.42 20.84
C GLN A 47 -5.67 7.17 20.02
N VAL A 48 -4.59 6.70 19.40
CA VAL A 48 -4.60 5.49 18.59
C VAL A 48 -3.70 4.55 19.37
N ASP A 49 -4.26 3.46 19.88
CA ASP A 49 -3.51 2.50 20.68
C ASP A 49 -3.41 1.14 20.03
N LEU A 50 -2.19 0.62 19.92
CA LEU A 50 -2.01 -0.72 19.38
C LEU A 50 -1.94 -1.56 20.65
N GLN A 51 -2.89 -2.49 20.81
CA GLN A 51 -2.95 -3.29 22.02
C GLN A 51 -2.86 -4.79 21.87
N ASN A 52 -2.48 -5.43 22.98
CA ASN A 52 -2.43 -6.88 23.07
C ASN A 52 -3.75 -7.22 23.77
N GLY A 53 -4.76 -7.57 22.97
CA GLY A 53 -6.07 -7.90 23.51
C GLY A 53 -6.94 -6.68 23.77
N SER A 54 -8.16 -6.91 24.25
CA SER A 54 -9.09 -5.81 24.49
C SER A 54 -9.75 -5.78 25.86
N SER A 55 -9.15 -6.47 26.83
CA SER A 55 -9.67 -6.48 28.20
C SER A 55 -9.56 -5.06 28.78
N MET A 56 -10.50 -4.68 29.64
CA MET A 56 -10.41 -3.36 30.25
C MET A 56 -10.17 -3.41 31.75
N LYS A 57 -10.10 -4.63 32.28
CA LYS A 57 -9.87 -4.87 33.69
C LYS A 57 -9.31 -6.27 33.86
N PRO A 58 -7.97 -6.39 33.97
CA PRO A 58 -6.97 -5.31 33.94
C PRO A 58 -6.96 -4.62 32.58
N ARG A 59 -6.57 -3.35 32.54
CA ARG A 59 -6.54 -2.65 31.25
C ARG A 59 -5.52 -3.37 30.39
N ALA A 60 -5.92 -3.75 29.18
CA ALA A 60 -5.04 -4.43 28.24
C ALA A 60 -3.78 -3.63 27.94
N ASP A 61 -2.66 -4.32 27.89
CA ASP A 61 -1.37 -3.70 27.61
C ASP A 61 -1.39 -2.95 26.28
N VAL A 62 -0.85 -1.73 26.27
CA VAL A 62 -0.80 -0.91 25.07
C VAL A 62 0.65 -0.80 24.55
N ALA A 63 0.96 -1.61 23.53
CA ALA A 63 2.28 -1.65 22.91
C ALA A 63 2.72 -0.30 22.35
N PHE A 64 1.79 0.42 21.74
CA PHE A 64 2.05 1.72 21.15
C PHE A 64 0.90 2.68 21.42
N HIS A 65 1.17 3.66 22.27
CA HIS A 65 0.18 4.66 22.62
C HIS A 65 0.53 5.96 21.86
N PHE A 66 -0.30 6.29 20.87
CA PHE A 66 -0.11 7.48 20.02
C PHE A 66 -1.20 8.43 20.48
N ASN A 67 -0.81 9.48 21.20
CA ASN A 67 -1.78 10.40 21.79
C ASN A 67 -1.66 11.90 21.50
N PRO A 68 -2.25 12.37 20.39
CA PRO A 68 -2.22 13.78 20.00
C PRO A 68 -3.05 14.63 20.99
N ARG A 69 -2.44 15.69 21.50
CA ARG A 69 -3.11 16.58 22.46
C ARG A 69 -3.09 17.98 21.91
N PHE A 70 -4.20 18.68 22.06
CA PHE A 70 -4.32 20.03 21.54
C PHE A 70 -4.22 21.06 22.64
N LYS A 71 -3.19 21.91 22.53
CA LYS A 71 -2.91 22.95 23.52
C LYS A 71 -2.05 24.02 22.88
N ARG A 72 -1.61 25.00 23.67
CA ARG A 72 -0.82 26.10 23.13
C ARG A 72 0.34 25.57 22.29
N ALA A 73 1.03 24.56 22.81
CA ALA A 73 2.15 23.99 22.07
C ALA A 73 1.67 22.90 21.10
N GLY A 74 0.77 22.04 21.54
CA GLY A 74 0.30 20.98 20.65
C GLY A 74 1.37 19.94 20.45
N CYS A 75 1.04 18.68 20.70
CA CYS A 75 2.04 17.63 20.59
C CYS A 75 1.44 16.25 20.45
N ILE A 76 2.31 15.25 20.39
CA ILE A 76 1.85 13.88 20.32
C ILE A 76 2.64 13.18 21.42
N VAL A 77 1.92 12.63 22.39
CA VAL A 77 2.56 11.92 23.49
C VAL A 77 2.53 10.45 23.12
N CYS A 78 3.67 9.79 23.24
CA CYS A 78 3.73 8.38 22.92
C CYS A 78 4.26 7.67 24.15
N ASN A 79 3.78 6.45 24.37
CA ASN A 79 4.20 5.68 25.52
C ASN A 79 3.75 4.23 25.37
N THR A 80 3.94 3.43 26.41
CA THR A 80 3.55 2.01 26.44
C THR A 80 2.97 1.67 27.80
N LEU A 81 1.93 0.84 27.83
CA LEU A 81 1.32 0.44 29.09
C LEU A 81 1.56 -1.06 29.29
N ILE A 82 2.22 -1.42 30.40
CA ILE A 82 2.48 -2.83 30.70
C ILE A 82 1.98 -3.08 32.11
N ASN A 83 1.21 -4.14 32.27
CA ASN A 83 0.64 -4.50 33.56
C ASN A 83 0.13 -3.23 34.22
N GLU A 84 -0.60 -2.43 33.43
CA GLU A 84 -1.20 -1.19 33.91
C GLU A 84 -0.23 -0.08 34.32
N LYS A 85 0.99 -0.11 33.80
CA LYS A 85 1.98 0.91 34.13
C LYS A 85 2.58 1.56 32.88
N TRP A 86 2.62 2.90 32.86
CA TRP A 86 3.20 3.61 31.74
C TRP A 86 4.72 3.67 31.85
N GLY A 87 5.39 3.53 30.71
CA GLY A 87 6.84 3.56 30.63
C GLY A 87 7.33 4.98 30.41
N ARG A 88 8.49 5.11 29.77
CA ARG A 88 9.08 6.42 29.50
C ARG A 88 8.29 7.16 28.42
N GLU A 89 7.83 8.36 28.77
CA GLU A 89 7.08 9.18 27.85
C GLU A 89 7.96 9.85 26.79
N GLU A 90 7.47 9.85 25.55
CA GLU A 90 8.18 10.47 24.46
C GLU A 90 7.26 11.50 23.80
N ILE A 91 7.60 12.77 23.92
CA ILE A 91 6.76 13.81 23.35
C ILE A 91 7.31 14.48 22.10
N THR A 92 6.50 14.50 21.05
CA THR A 92 6.87 15.13 19.80
C THR A 92 6.07 16.41 19.67
N TYR A 93 6.77 17.53 19.61
CA TYR A 93 6.11 18.82 19.50
C TYR A 93 5.99 19.22 18.02
N ASP A 94 5.45 20.40 17.77
CA ASP A 94 5.23 20.86 16.40
C ASP A 94 4.33 19.76 15.81
N THR A 95 3.18 19.60 16.45
CA THR A 95 2.20 18.60 16.07
C THR A 95 1.62 18.91 14.69
N PRO A 96 1.41 17.87 13.87
CA PRO A 96 0.85 18.10 12.53
C PRO A 96 -0.67 18.19 12.56
N PHE A 97 -1.29 17.74 13.65
CA PHE A 97 -2.75 17.78 13.77
C PHE A 97 -3.26 19.17 14.17
N LYS A 98 -4.47 19.49 13.70
CA LYS A 98 -5.13 20.77 14.03
C LYS A 98 -6.63 20.58 14.16
N ARG A 99 -7.24 21.33 15.07
CA ARG A 99 -8.69 21.30 15.27
C ARG A 99 -9.40 21.69 13.99
N GLU A 100 -10.44 20.95 13.62
CA GLU A 100 -11.18 21.27 12.41
C GLU A 100 -10.37 21.09 11.14
N LYS A 101 -9.35 20.24 11.21
CA LYS A 101 -8.54 19.96 10.05
C LYS A 101 -8.53 18.43 9.91
N SER A 102 -8.60 17.94 8.68
CA SER A 102 -8.59 16.51 8.45
C SER A 102 -7.14 16.03 8.40
N PHE A 103 -6.93 14.73 8.57
CA PHE A 103 -5.58 14.19 8.57
C PHE A 103 -5.49 12.76 8.08
N GLU A 104 -4.28 12.37 7.70
CA GLU A 104 -4.00 11.01 7.27
C GLU A 104 -2.77 10.53 8.03
N ILE A 105 -2.95 9.45 8.78
CA ILE A 105 -1.86 8.87 9.53
C ILE A 105 -1.41 7.58 8.89
N VAL A 106 -0.10 7.49 8.63
CA VAL A 106 0.45 6.30 8.05
C VAL A 106 1.42 5.72 9.07
N ILE A 107 1.03 4.61 9.68
CA ILE A 107 1.88 3.96 10.67
C ILE A 107 2.56 2.78 9.98
N MET A 108 3.89 2.82 9.91
CA MET A 108 4.66 1.74 9.28
C MET A 108 5.32 0.90 10.35
N VAL A 109 5.16 -0.42 10.28
CA VAL A 109 5.79 -1.29 11.26
C VAL A 109 7.16 -1.77 10.78
N LEU A 110 8.21 -1.53 11.56
CA LEU A 110 9.55 -1.99 11.21
C LEU A 110 10.03 -3.02 12.25
N LYS A 111 11.19 -3.63 12.03
CA LYS A 111 11.70 -4.65 12.95
C LYS A 111 11.80 -4.19 14.39
N ASP A 112 12.38 -3.01 14.61
CA ASP A 112 12.54 -2.49 15.96
C ASP A 112 11.77 -1.23 16.30
N LYS A 113 10.98 -0.71 15.37
CA LYS A 113 10.22 0.48 15.70
C LYS A 113 9.09 0.76 14.75
N PHE A 114 8.20 1.64 15.19
CA PHE A 114 7.08 2.05 14.36
C PHE A 114 7.57 3.35 13.74
N GLN A 115 7.25 3.58 12.48
CA GLN A 115 7.63 4.82 11.83
C GLN A 115 6.28 5.47 11.54
N VAL A 116 6.11 6.73 11.91
CA VAL A 116 4.83 7.38 11.67
C VAL A 116 4.91 8.72 10.97
N ALA A 117 4.17 8.82 9.87
CA ALA A 117 4.09 10.05 9.10
C ALA A 117 2.65 10.54 9.15
N VAL A 118 2.45 11.86 9.24
CA VAL A 118 1.11 12.43 9.23
C VAL A 118 1.02 13.42 8.07
N ASN A 119 0.03 13.22 7.20
CA ASN A 119 -0.15 14.10 6.04
C ASN A 119 1.09 14.21 5.14
N GLY A 120 1.73 13.09 4.84
CA GLY A 120 2.89 13.11 3.96
C GLY A 120 4.20 13.62 4.52
N LYS A 121 4.29 13.79 5.82
CA LYS A 121 5.52 14.25 6.46
C LYS A 121 5.92 13.30 7.59
N HIS A 122 7.21 13.00 7.69
CA HIS A 122 7.63 12.13 8.77
C HIS A 122 7.29 12.84 10.06
N THR A 123 6.71 12.12 11.01
CA THR A 123 6.36 12.73 12.28
C THR A 123 7.21 12.21 13.44
N LEU A 124 7.28 10.89 13.61
CA LEU A 124 8.05 10.34 14.72
C LEU A 124 8.36 8.85 14.63
N LEU A 125 9.39 8.42 15.36
CA LEU A 125 9.75 7.01 15.42
C LEU A 125 9.50 6.58 16.87
N TYR A 126 9.11 5.33 17.06
CA TYR A 126 8.86 4.84 18.41
C TYR A 126 9.27 3.38 18.45
N GLY A 127 10.38 3.12 19.10
CA GLY A 127 10.90 1.77 19.20
C GLY A 127 9.99 0.83 19.98
N HIS A 128 9.92 -0.40 19.51
CA HIS A 128 9.11 -1.41 20.15
C HIS A 128 9.57 -1.67 21.58
N ARG A 129 8.61 -1.72 22.49
CA ARG A 129 8.88 -2.01 23.89
C ARG A 129 8.21 -3.35 24.13
N ILE A 130 7.28 -3.69 23.26
CA ILE A 130 6.58 -4.97 23.30
C ILE A 130 6.74 -5.60 21.94
N GLY A 131 6.99 -6.91 21.89
CA GLY A 131 7.17 -7.55 20.60
C GLY A 131 5.97 -7.22 19.74
N PRO A 132 6.17 -6.88 18.45
CA PRO A 132 4.99 -6.56 17.65
C PRO A 132 4.03 -7.74 17.42
N GLU A 133 4.53 -8.98 17.51
CA GLU A 133 3.66 -10.13 17.30
C GLU A 133 2.59 -10.20 18.39
N LYS A 134 2.84 -9.57 19.52
CA LYS A 134 1.89 -9.56 20.64
C LYS A 134 0.72 -8.60 20.44
N ILE A 135 0.75 -7.82 19.37
CA ILE A 135 -0.32 -6.85 19.10
C ILE A 135 -1.44 -7.43 18.24
N ASP A 136 -2.68 -7.42 18.74
CA ASP A 136 -3.78 -7.96 17.96
C ASP A 136 -5.04 -7.12 17.92
N THR A 137 -5.02 -5.94 18.56
CA THR A 137 -6.22 -5.09 18.53
C THR A 137 -5.91 -3.59 18.40
N LEU A 138 -6.75 -2.90 17.63
CA LEU A 138 -6.61 -1.46 17.42
C LEU A 138 -7.69 -0.70 18.20
N GLY A 139 -7.25 0.12 19.14
CA GLY A 139 -8.17 0.90 19.93
C GLY A 139 -8.04 2.37 19.61
N ILE A 140 -9.17 3.05 19.48
CA ILE A 140 -9.17 4.47 19.20
C ILE A 140 -10.15 5.11 20.16
N TYR A 141 -9.69 6.11 20.88
CA TYR A 141 -10.51 6.78 21.88
C TYR A 141 -10.30 8.28 21.85
N GLY A 142 -11.22 9.00 22.47
CA GLY A 142 -11.10 10.45 22.55
C GLY A 142 -11.91 11.27 21.56
N LYS A 143 -11.54 12.53 21.41
CA LYS A 143 -12.26 13.41 20.51
C LYS A 143 -11.69 13.48 19.11
N VAL A 144 -12.10 12.51 18.29
CA VAL A 144 -11.67 12.44 16.91
C VAL A 144 -12.71 11.71 16.08
N ASN A 145 -12.84 12.09 14.81
CA ASN A 145 -13.79 11.45 13.91
C ASN A 145 -12.97 10.63 12.92
N ILE A 146 -13.20 9.33 12.90
CA ILE A 146 -12.46 8.48 11.99
C ILE A 146 -13.29 8.15 10.76
N HIS A 147 -12.73 8.39 9.59
CA HIS A 147 -13.42 8.12 8.35
C HIS A 147 -13.12 6.72 7.87
N SER A 148 -11.83 6.35 7.92
CA SER A 148 -11.43 5.03 7.48
C SER A 148 -10.08 4.60 8.04
N ILE A 149 -9.92 3.29 8.17
CA ILE A 149 -8.67 2.71 8.63
C ILE A 149 -8.47 1.65 7.58
N GLY A 150 -7.22 1.44 7.15
CA GLY A 150 -6.98 0.44 6.13
C GLY A 150 -5.64 -0.19 6.44
N PHE A 151 -5.41 -1.38 5.90
CA PHE A 151 -4.19 -2.11 6.18
C PHE A 151 -3.48 -2.67 4.96
N SER A 152 -2.19 -2.95 5.13
CA SER A 152 -1.39 -3.53 4.08
C SER A 152 -0.44 -4.50 4.77
N PHE A 153 -0.67 -5.79 4.53
CA PHE A 153 0.13 -6.85 5.13
C PHE A 153 1.03 -7.51 4.11
N SER A 154 1.82 -8.48 4.58
CA SER A 154 2.75 -9.25 3.76
C SER A 154 2.00 -9.89 2.60
N SER A 155 0.72 -10.17 2.83
CA SER A 155 -0.16 -10.80 1.86
C SER A 155 -0.69 -9.83 0.80
N HIS A 156 -0.20 -8.60 0.79
CA HIS A 156 -0.69 -7.62 -0.18
C HIS A 156 -0.38 -7.98 -1.62
N MET A 157 0.31 -9.10 -1.83
CA MET A 157 0.64 -9.50 -3.17
C MET A 157 0.12 -10.86 -3.60
N ARG A 158 -1.14 -11.10 -3.27
CA ARG A 158 -1.81 -12.33 -3.67
C ARG A 158 -2.43 -11.96 -5.01
N LEU A 159 -2.79 -12.97 -5.79
CA LEU A 159 -3.42 -12.72 -7.07
C LEU A 159 -4.88 -13.16 -6.96
N PRO A 160 -5.79 -12.46 -7.65
CA PRO A 160 -5.46 -11.31 -8.48
C PRO A 160 -4.94 -10.13 -7.65
N PHE A 161 -4.09 -9.34 -8.29
CA PHE A 161 -3.50 -8.18 -7.67
C PHE A 161 -4.06 -6.99 -8.42
N ALA A 162 -4.65 -6.06 -7.67
CA ALA A 162 -5.19 -4.85 -8.27
C ALA A 162 -4.73 -3.67 -7.42
N ALA A 163 -4.21 -2.63 -8.05
CA ALA A 163 -3.79 -1.46 -7.27
C ALA A 163 -3.96 -0.16 -8.04
N ARG A 164 -4.41 0.87 -7.35
CA ARG A 164 -4.58 2.18 -7.96
C ARG A 164 -3.24 2.87 -7.95
N LEU A 165 -3.02 3.72 -8.94
CA LEU A 165 -1.77 4.45 -9.09
C LEU A 165 -1.93 5.88 -8.60
N ASN A 166 -1.54 6.12 -7.35
CA ASN A 166 -1.65 7.44 -6.77
C ASN A 166 -0.88 8.49 -7.56
N THR A 167 0.01 8.04 -8.45
CA THR A 167 0.78 8.94 -9.30
C THR A 167 0.21 8.73 -10.70
N PRO A 168 -0.40 9.77 -11.29
CA PRO A 168 -0.95 9.58 -12.64
C PRO A 168 0.09 9.15 -13.65
N MET A 169 -0.30 8.28 -14.58
CA MET A 169 0.60 7.78 -15.60
C MET A 169 1.07 8.88 -16.56
N GLY A 170 2.33 8.81 -16.97
CA GLY A 170 2.87 9.83 -17.85
C GLY A 170 4.29 9.49 -18.24
N PRO A 171 4.84 10.17 -19.25
CA PRO A 171 6.21 9.91 -19.69
C PRO A 171 7.21 10.00 -18.53
N GLY A 172 8.07 9.00 -18.41
CA GLY A 172 9.06 8.96 -17.34
C GLY A 172 8.63 8.09 -16.16
N ARG A 173 7.36 7.73 -16.13
CA ARG A 173 6.84 6.90 -15.07
C ARG A 173 7.24 5.45 -15.27
N THR A 174 7.68 4.81 -14.19
CA THR A 174 8.13 3.43 -14.26
C THR A 174 7.32 2.51 -13.36
N VAL A 175 7.09 1.30 -13.87
CA VAL A 175 6.40 0.29 -13.11
C VAL A 175 7.29 -0.95 -13.24
N VAL A 176 7.77 -1.43 -12.10
CA VAL A 176 8.60 -2.62 -12.11
C VAL A 176 7.86 -3.69 -11.35
N VAL A 177 8.03 -4.92 -11.81
CA VAL A 177 7.41 -6.06 -11.18
C VAL A 177 8.47 -7.13 -11.03
N LYS A 178 8.54 -7.73 -9.84
CA LYS A 178 9.50 -8.78 -9.62
C LYS A 178 8.69 -9.96 -9.11
N GLY A 179 9.09 -11.15 -9.53
CA GLY A 179 8.40 -12.35 -9.08
C GLY A 179 9.03 -13.60 -9.66
N GLU A 180 8.38 -14.73 -9.42
CA GLU A 180 8.88 -16.01 -9.89
C GLU A 180 7.74 -16.74 -10.59
N VAL A 181 8.01 -17.19 -11.81
CA VAL A 181 7.03 -17.92 -12.58
C VAL A 181 6.83 -19.30 -11.94
N ASN A 182 5.58 -19.75 -11.85
CA ASN A 182 5.32 -21.05 -11.26
C ASN A 182 5.93 -22.17 -12.09
N ALA A 183 6.35 -23.23 -11.42
CA ALA A 183 6.96 -24.39 -12.04
C ALA A 183 6.16 -24.97 -13.20
N ASN A 184 4.84 -24.87 -13.09
CA ASN A 184 3.94 -25.44 -14.10
C ASN A 184 3.07 -24.33 -14.66
N ALA A 185 3.64 -23.13 -14.72
CA ALA A 185 2.96 -21.94 -15.22
C ALA A 185 2.53 -22.05 -16.68
N LYS A 186 1.37 -21.51 -17.00
CA LYS A 186 0.84 -21.52 -18.36
C LYS A 186 1.03 -20.11 -18.93
N SER A 187 0.58 -19.13 -18.17
CA SER A 187 0.73 -17.73 -18.55
C SER A 187 0.37 -16.82 -17.37
N PHE A 188 0.67 -15.53 -17.51
CA PHE A 188 0.32 -14.52 -16.51
C PHE A 188 0.14 -13.18 -17.23
N ASN A 189 -0.41 -12.20 -16.54
CA ASN A 189 -0.64 -10.91 -17.18
C ASN A 189 -0.37 -9.73 -16.28
N VAL A 190 0.05 -8.63 -16.91
CA VAL A 190 0.32 -7.39 -16.22
C VAL A 190 -0.39 -6.37 -17.10
N ASP A 191 -1.42 -5.74 -16.54
CA ASP A 191 -2.19 -4.77 -17.31
C ASP A 191 -2.18 -3.39 -16.70
N LEU A 192 -2.10 -2.39 -17.57
CA LEU A 192 -2.15 -1.00 -17.15
C LEU A 192 -3.46 -0.50 -17.77
N LEU A 193 -4.45 -0.26 -16.91
CA LEU A 193 -5.72 0.22 -17.39
C LEU A 193 -6.14 1.60 -16.91
N ALA A 194 -7.06 2.21 -17.65
CA ALA A 194 -7.63 3.50 -17.31
C ALA A 194 -8.92 3.13 -16.57
N GLY A 195 -8.75 2.76 -15.29
CA GLY A 195 -9.86 2.36 -14.45
C GLY A 195 -11.24 2.79 -14.89
N LYS A 196 -11.41 4.10 -15.08
CA LYS A 196 -12.69 4.68 -15.47
C LYS A 196 -13.25 4.16 -16.78
N SER A 197 -12.66 4.59 -17.90
CA SER A 197 -13.12 4.18 -19.22
C SER A 197 -13.04 2.67 -19.49
N LYS A 198 -12.93 1.87 -18.43
CA LYS A 198 -12.85 0.41 -18.56
C LYS A 198 -11.98 -0.05 -19.74
N ASP A 199 -10.89 0.66 -20.00
CA ASP A 199 -10.01 0.29 -21.11
C ASP A 199 -8.66 -0.18 -20.61
N ILE A 200 -8.01 -1.02 -21.42
CA ILE A 200 -6.69 -1.52 -21.06
C ILE A 200 -5.69 -0.92 -22.03
N ALA A 201 -4.96 0.08 -21.55
CA ALA A 201 -3.95 0.75 -22.36
C ALA A 201 -2.83 -0.20 -22.71
N LEU A 202 -2.48 -1.05 -21.74
CA LEU A 202 -1.39 -2.00 -21.95
C LEU A 202 -1.66 -3.37 -21.33
N HIS A 203 -1.62 -4.39 -22.20
CA HIS A 203 -1.82 -5.77 -21.79
C HIS A 203 -0.51 -6.53 -22.11
N LEU A 204 0.24 -6.86 -21.07
CA LEU A 204 1.50 -7.59 -21.21
C LEU A 204 1.13 -8.99 -20.79
N ASN A 205 1.11 -9.90 -21.75
CA ASN A 205 0.71 -11.27 -21.48
C ASN A 205 1.71 -12.34 -21.92
N PRO A 206 2.62 -12.74 -21.02
CA PRO A 206 3.56 -13.78 -21.44
C PRO A 206 2.83 -15.14 -21.41
N ARG A 207 2.89 -15.90 -22.50
CA ARG A 207 2.22 -17.19 -22.52
C ARG A 207 3.37 -18.18 -22.66
N LEU A 208 3.58 -18.94 -21.60
CA LEU A 208 4.69 -19.87 -21.54
C LEU A 208 4.49 -21.19 -22.25
N ASN A 209 3.26 -21.65 -22.29
CA ASN A 209 2.91 -22.92 -22.90
C ASN A 209 3.16 -22.90 -24.39
N ILE A 210 2.90 -21.76 -25.01
CA ILE A 210 3.13 -21.63 -26.43
C ILE A 210 4.38 -20.77 -26.61
N LYS A 211 4.97 -20.39 -25.48
CA LYS A 211 6.19 -19.59 -25.47
C LYS A 211 6.13 -18.33 -26.32
N ALA A 212 5.21 -17.44 -25.99
CA ALA A 212 5.08 -16.20 -26.74
C ALA A 212 4.71 -15.07 -25.80
N PHE A 213 5.01 -13.86 -26.22
CA PHE A 213 4.77 -12.69 -25.41
C PHE A 213 3.80 -11.84 -26.16
N VAL A 214 2.56 -11.89 -25.71
CA VAL A 214 1.49 -11.15 -26.33
C VAL A 214 1.27 -9.84 -25.59
N ARG A 215 1.17 -8.77 -26.35
CA ARG A 215 0.84 -7.47 -25.77
C ARG A 215 -0.22 -6.88 -26.68
N ASN A 216 -1.19 -6.20 -26.10
CA ASN A 216 -2.29 -5.67 -26.86
C ASN A 216 -3.02 -4.66 -25.99
N SER A 217 -4.04 -4.02 -26.54
CA SER A 217 -4.84 -3.04 -25.82
C SER A 217 -6.31 -3.39 -26.00
N PHE A 218 -7.11 -3.12 -24.98
CA PHE A 218 -8.54 -3.42 -25.07
C PHE A 218 -9.20 -2.06 -25.03
N LEU A 219 -9.63 -1.62 -26.22
CA LEU A 219 -10.24 -0.31 -26.35
C LEU A 219 -11.66 -0.34 -26.92
N GLN A 220 -12.53 0.48 -26.33
CA GLN A 220 -13.91 0.56 -26.79
C GLN A 220 -14.54 -0.83 -26.80
N GLU A 221 -14.43 -1.53 -25.68
CA GLU A 221 -15.00 -2.87 -25.54
C GLU A 221 -14.54 -3.84 -26.60
N SER A 222 -13.30 -3.72 -27.04
CA SER A 222 -12.79 -4.60 -28.07
C SER A 222 -11.29 -4.81 -28.03
N TRP A 223 -10.85 -6.05 -28.15
CA TRP A 223 -9.43 -6.32 -28.16
C TRP A 223 -8.86 -5.89 -29.52
N GLY A 224 -7.73 -5.21 -29.51
CA GLY A 224 -7.14 -4.77 -30.76
C GLY A 224 -6.29 -5.86 -31.38
N GLU A 225 -5.30 -5.44 -32.17
CA GLU A 225 -4.38 -6.36 -32.83
C GLU A 225 -3.23 -6.74 -31.90
N GLU A 226 -3.02 -8.04 -31.70
CA GLU A 226 -1.94 -8.50 -30.83
C GLU A 226 -0.55 -8.32 -31.42
N GLU A 227 0.39 -7.96 -30.56
CA GLU A 227 1.78 -7.79 -30.99
C GLU A 227 2.60 -8.87 -30.31
N ARG A 228 3.26 -9.69 -31.13
CA ARG A 228 4.05 -10.79 -30.62
C ARG A 228 5.52 -10.80 -31.03
N ASN A 229 5.93 -9.92 -31.95
CA ASN A 229 7.32 -9.91 -32.38
C ASN A 229 8.29 -9.77 -31.23
N ILE A 230 9.35 -10.59 -31.23
CA ILE A 230 10.33 -10.52 -30.16
C ILE A 230 11.57 -11.35 -30.49
N THR A 231 12.73 -10.84 -30.11
CA THR A 231 13.99 -11.52 -30.37
C THR A 231 14.08 -12.86 -29.66
N SER A 232 13.39 -13.00 -28.54
CA SER A 232 13.40 -14.24 -27.79
C SER A 232 12.54 -14.18 -26.55
N PHE A 233 11.64 -15.14 -26.39
CA PHE A 233 10.76 -15.25 -25.21
C PHE A 233 11.63 -15.17 -23.95
N PRO A 234 11.48 -14.10 -23.13
CA PRO A 234 12.30 -13.96 -21.93
C PRO A 234 11.96 -14.79 -20.69
N PHE A 235 10.75 -15.32 -20.66
CA PHE A 235 10.24 -16.13 -19.57
C PHE A 235 10.41 -17.66 -19.59
N SER A 236 10.64 -18.24 -18.42
CA SER A 236 10.75 -19.69 -18.29
C SER A 236 10.01 -20.12 -17.02
N PRO A 237 9.31 -21.27 -17.04
CA PRO A 237 8.61 -21.69 -15.82
C PRO A 237 9.61 -21.81 -14.67
N GLY A 238 9.25 -21.35 -13.47
CA GLY A 238 10.20 -21.47 -12.37
C GLY A 238 11.31 -20.42 -12.36
N MET A 239 11.21 -19.41 -13.22
CA MET A 239 12.28 -18.41 -13.32
C MET A 239 12.02 -17.10 -12.57
N TYR A 240 13.08 -16.59 -11.93
CA TYR A 240 12.99 -15.33 -11.21
C TYR A 240 13.01 -14.22 -12.26
N PHE A 241 12.32 -13.12 -11.99
CA PHE A 241 12.35 -12.05 -12.96
C PHE A 241 12.02 -10.70 -12.38
N GLU A 242 12.38 -9.69 -13.15
CA GLU A 242 12.09 -8.30 -12.83
C GLU A 242 11.69 -7.83 -14.20
N MET A 243 10.62 -7.06 -14.26
CA MET A 243 10.15 -6.54 -15.52
C MET A 243 9.98 -5.03 -15.34
N ILE A 244 10.50 -4.27 -16.29
CA ILE A 244 10.39 -2.83 -16.20
C ILE A 244 9.51 -2.33 -17.32
N ILE A 245 8.41 -1.70 -16.93
CA ILE A 245 7.50 -1.14 -17.90
C ILE A 245 7.80 0.34 -17.79
N TYR A 246 8.42 0.90 -18.83
CA TYR A 246 8.74 2.31 -18.80
C TYR A 246 7.82 3.08 -19.73
N CYS A 247 7.11 4.06 -19.18
CA CYS A 247 6.22 4.85 -20.00
C CYS A 247 7.06 5.96 -20.64
N ASP A 248 6.96 6.08 -21.95
CA ASP A 248 7.70 7.10 -22.67
C ASP A 248 6.62 7.90 -23.38
N VAL A 249 7.01 9.01 -24.01
CA VAL A 249 6.04 9.85 -24.72
C VAL A 249 5.46 9.17 -25.95
N ARG A 250 6.28 8.38 -26.65
CA ARG A 250 5.83 7.71 -27.87
C ARG A 250 5.38 6.26 -27.67
N GLU A 251 5.89 5.61 -26.64
CA GLU A 251 5.52 4.22 -26.42
C GLU A 251 5.94 3.75 -25.05
N PHE A 252 5.62 2.48 -24.78
CA PHE A 252 5.99 1.86 -23.54
C PHE A 252 7.24 1.05 -23.86
N LYS A 253 8.25 1.15 -23.01
CA LYS A 253 9.49 0.38 -23.18
C LYS A 253 9.49 -0.65 -22.06
N VAL A 254 9.57 -1.93 -22.39
CA VAL A 254 9.62 -2.95 -21.33
C VAL A 254 10.84 -3.85 -21.41
N ALA A 255 11.50 -3.99 -20.28
CA ALA A 255 12.70 -4.82 -20.17
C ALA A 255 12.48 -5.96 -19.20
N VAL A 256 13.25 -7.03 -19.36
CA VAL A 256 13.16 -8.17 -18.46
C VAL A 256 14.55 -8.59 -18.04
N ASN A 257 14.75 -8.74 -16.74
CA ASN A 257 16.05 -9.15 -16.19
C ASN A 257 17.20 -8.34 -16.77
N GLY A 258 17.02 -7.02 -16.84
CA GLY A 258 18.06 -6.15 -17.34
C GLY A 258 18.19 -6.04 -18.85
N VAL A 259 17.25 -6.60 -19.61
CA VAL A 259 17.31 -6.55 -21.07
C VAL A 259 16.04 -6.03 -21.75
N HIS A 260 16.21 -5.04 -22.64
CA HIS A 260 15.07 -4.49 -23.37
C HIS A 260 14.39 -5.60 -24.16
N SER A 261 13.07 -5.72 -24.01
CA SER A 261 12.33 -6.77 -24.69
C SER A 261 11.46 -6.25 -25.82
N LEU A 262 10.71 -5.19 -25.54
CA LEU A 262 9.86 -4.63 -26.57
C LEU A 262 9.39 -3.22 -26.29
N GLU A 263 8.85 -2.62 -27.33
CA GLU A 263 8.30 -1.28 -27.29
C GLU A 263 6.87 -1.45 -27.73
N TYR A 264 6.00 -0.58 -27.25
CA TYR A 264 4.59 -0.65 -27.59
C TYR A 264 4.07 0.77 -27.84
N LYS A 265 3.81 1.09 -29.10
CA LYS A 265 3.32 2.40 -29.47
C LYS A 265 2.02 2.63 -28.71
N HIS A 266 1.87 3.79 -28.07
CA HIS A 266 0.65 4.10 -27.32
C HIS A 266 -0.59 4.04 -28.19
N ARG A 267 -1.64 3.39 -27.71
CA ARG A 267 -2.90 3.29 -28.45
C ARG A 267 -3.95 4.12 -27.74
N PHE A 268 -3.78 4.21 -26.43
CA PHE A 268 -4.66 4.99 -25.58
C PHE A 268 -3.81 6.26 -25.40
N LYS A 269 -4.22 7.38 -25.98
CA LYS A 269 -3.39 8.58 -25.89
C LYS A 269 -3.49 9.43 -24.63
N GLU A 270 -4.54 9.26 -23.83
CA GLU A 270 -4.66 10.02 -22.58
C GLU A 270 -3.92 9.31 -21.47
N LEU A 271 -2.59 9.38 -21.51
CA LEU A 271 -1.74 8.72 -20.54
C LEU A 271 -2.14 9.00 -19.08
N SER A 272 -2.39 10.25 -18.75
CA SER A 272 -2.77 10.64 -17.40
C SER A 272 -3.98 9.87 -16.85
N SER A 273 -4.72 9.21 -17.75
CA SER A 273 -5.90 8.43 -17.37
C SER A 273 -5.61 6.98 -16.98
N ILE A 274 -4.37 6.53 -17.21
CA ILE A 274 -3.96 5.18 -16.87
C ILE A 274 -3.67 5.19 -15.38
N ASP A 275 -4.68 4.87 -14.58
CA ASP A 275 -4.53 4.89 -13.14
C ASP A 275 -4.71 3.55 -12.42
N THR A 276 -4.55 2.44 -13.14
CA THR A 276 -4.73 1.14 -12.49
C THR A 276 -3.84 0.02 -12.98
N LEU A 277 -3.25 -0.67 -12.02
CA LEU A 277 -2.35 -1.78 -12.29
C LEU A 277 -2.94 -3.09 -11.80
N GLU A 278 -2.95 -4.09 -12.67
CA GLU A 278 -3.48 -5.39 -12.30
C GLU A 278 -2.54 -6.52 -12.69
N ILE A 279 -2.27 -7.40 -11.74
CA ILE A 279 -1.39 -8.53 -12.02
C ILE A 279 -2.08 -9.83 -11.65
N ASN A 280 -2.02 -10.80 -12.56
CA ASN A 280 -2.62 -12.10 -12.28
C ASN A 280 -1.92 -13.16 -13.11
N GLY A 281 -2.29 -14.40 -12.90
CA GLY A 281 -1.67 -15.48 -13.65
C GLY A 281 -0.83 -16.41 -12.79
N ASP A 282 -0.03 -17.21 -13.49
CA ASP A 282 0.82 -18.23 -12.88
C ASP A 282 2.19 -17.80 -12.37
N ILE A 283 2.20 -16.84 -11.46
CA ILE A 283 3.44 -16.36 -10.88
C ILE A 283 3.29 -16.13 -9.40
N HIS A 284 4.43 -15.96 -8.74
CA HIS A 284 4.45 -15.67 -7.32
C HIS A 284 4.89 -14.22 -7.38
N LEU A 285 4.07 -13.32 -6.86
CA LEU A 285 4.41 -11.92 -6.89
C LEU A 285 5.32 -11.60 -5.71
N LEU A 286 6.49 -11.01 -6.00
CA LEU A 286 7.44 -10.66 -4.95
C LEU A 286 7.56 -9.18 -4.66
N GLU A 287 7.37 -8.34 -5.68
CA GLU A 287 7.49 -6.90 -5.47
C GLU A 287 6.92 -6.11 -6.65
N VAL A 288 6.23 -5.01 -6.32
CA VAL A 288 5.65 -4.13 -7.31
C VAL A 288 6.01 -2.71 -6.89
N ARG A 289 6.60 -1.95 -7.80
CA ARG A 289 6.97 -0.58 -7.50
C ARG A 289 6.51 0.41 -8.56
N SER A 290 5.69 1.38 -8.17
CA SER A 290 5.28 2.38 -9.12
C SER A 290 6.36 3.47 -9.05
N TRP A 291 7.50 3.16 -9.66
CA TRP A 291 8.71 4.03 -9.76
C TRP A 291 9.93 3.49 -9.02
C2 BGC B . 1.90 13.80 32.07
C3 BGC B . 0.64 13.16 31.46
C4 BGC B . 0.26 11.85 32.14
C5 BGC B . 0.30 11.98 33.68
C6 BGC B . 0.09 10.66 34.38
C1 BGC B . 1.83 13.81 33.60
O1 BGC B . 3.05 14.24 34.12
O2 BGC B . 2.03 15.13 31.58
O3 BGC B . 0.87 12.92 30.08
O4 BGC B . -1.07 11.49 31.72
O5 BGC B . 1.58 12.49 34.10
O6 BGC B . 0.64 9.59 33.63
C1 GAL B . -1.29 10.22 31.20
C2 GAL B . -2.63 10.22 30.43
C3 GAL B . -2.84 8.88 29.76
C4 GAL B . -1.66 8.59 28.84
C5 GAL B . -0.37 8.62 29.67
C6 GAL B . 0.88 8.35 28.86
O2 GAL B . -3.70 10.48 31.32
O3 GAL B . -4.04 8.91 29.00
O4 GAL B . -1.60 9.59 27.83
O5 GAL B . -0.21 9.91 30.30
O6 GAL B . 2.04 8.58 29.64
C1 EDO C . 11.80 5.75 20.74
O1 EDO C . 11.38 4.48 21.25
C2 EDO C . 12.63 5.57 19.50
O2 EDO C . 12.97 6.84 18.97
C1 EDO D . 7.60 9.33 19.72
O1 EDO D . 8.81 8.61 19.90
C2 EDO D . 7.75 10.72 20.35
O2 EDO D . 6.51 11.42 20.25
C1 EDO E . 12.23 10.13 17.43
O1 EDO E . 13.57 10.07 16.92
C2 EDO E . 11.45 11.20 16.68
O2 EDO E . 10.10 11.21 17.13
C1 EDO F . 4.91 22.59 20.03
O1 EDO F . 4.30 22.28 18.80
C2 EDO F . 6.37 23.00 19.83
O2 EDO F . 6.92 23.51 21.04
C1 EDO G . 6.38 7.29 8.00
O1 EDO G . 5.75 6.05 7.69
C2 EDO G . 7.50 7.59 6.98
O2 EDO G . 8.09 8.86 7.26
C1 EDO H . -1.93 13.14 -20.64
O1 EDO H . -0.98 13.07 -19.58
C2 EDO H . -1.21 12.98 -21.98
O2 EDO H . -2.18 12.97 -23.02
C1 EDO I . 4.37 -7.94 -33.28
O1 EDO I . 4.94 -6.65 -33.39
C2 EDO I . 3.39 -8.18 -34.44
O2 EDO I . 2.79 -9.47 -34.29
C1 EDO J . -5.33 -16.59 -10.26
O1 EDO J . -4.41 -16.32 -9.21
C2 EDO J . -4.58 -17.05 -11.50
O2 EDO J . -5.50 -17.41 -12.52
C1 EDO K . -1.51 3.73 -24.00
O1 EDO K . -0.47 4.66 -23.77
C2 EDO K . -1.05 2.68 -24.99
O2 EDO K . -2.15 1.85 -25.35
C1 EDO L . -14.04 -7.79 18.11
O1 EDO L . -13.29 -7.19 19.16
C2 EDO L . -13.42 -7.44 16.76
O2 EDO L . -13.48 -6.04 16.54
#